data_4GGJ
#
_entry.id   4GGJ
#
_cell.length_a   38.741
_cell.length_b   38.741
_cell.length_c   214.529
_cell.angle_alpha   90.00
_cell.angle_beta   90.00
_cell.angle_gamma   90.00
#
_symmetry.space_group_name_H-M   'P 43 21 2'
#
loop_
_entity.id
_entity.type
_entity.pdbx_description
1 polymer 'Mitochondrial cardiolipin hydrolase'
2 non-polymer 'ZINC ION'
3 water water
#
_entity_poly.entity_id   1
_entity_poly.type   'polypeptide(L)'
_entity_poly.pdbx_seq_one_letter_code
;MLAGRRPRREVLFFPSQVTCTEALLQAPGLPPGPSGCPCSLPHSESSLSRLLRALLAARSSLELCLFAFSSPQLGRAVQL
LHQRGVRVRVITDCDYMALNGSQIGLLRKAGIQVRHDQDLGYMHHKFAIVDKKVLITGSLNWTTQAIQNNRENVLIMEDT
EYVRLFLEEFERIWEEFDPTKYSFFPQKHRGHLVPR
;
_entity_poly.pdbx_strand_id   A
#
loop_
_chem_comp.id
_chem_comp.type
_chem_comp.name
_chem_comp.formula
ZN non-polymer 'ZINC ION' 'Zn 2'
#
# COMPACT_ATOMS: atom_id res chain seq x y z
N ARG A 6 -12.29 -10.63 -18.51
CA ARG A 6 -12.83 -9.35 -17.96
C ARG A 6 -12.20 -8.98 -16.61
N PRO A 7 -12.18 -9.92 -15.65
CA PRO A 7 -11.67 -9.53 -14.34
C PRO A 7 -10.15 -9.49 -14.32
N ARG A 8 -9.63 -8.38 -13.80
CA ARG A 8 -8.20 -8.17 -13.58
C ARG A 8 -7.57 -9.33 -12.79
N ARG A 9 -6.50 -9.91 -13.36
CA ARG A 9 -5.61 -10.84 -12.65
C ARG A 9 -4.18 -10.65 -13.10
N GLU A 10 -3.44 -9.87 -12.33
CA GLU A 10 -2.08 -9.56 -12.68
C GLU A 10 -1.17 -10.01 -11.58
N VAL A 11 0.11 -10.19 -11.93
CA VAL A 11 1.16 -10.43 -10.97
C VAL A 11 2.37 -9.56 -11.34
N LEU A 12 2.90 -8.90 -10.32
CA LEU A 12 4.07 -8.09 -10.42
C LEU A 12 5.20 -8.83 -9.73
N PHE A 13 6.33 -8.95 -10.41
CA PHE A 13 7.52 -9.53 -9.78
C PHE A 13 8.55 -8.44 -9.52
N PHE A 14 9.21 -8.60 -8.39
CA PHE A 14 10.22 -7.68 -7.94
C PHE A 14 11.52 -8.45 -7.89
N PRO A 15 12.68 -7.77 -7.90
CA PRO A 15 12.88 -6.32 -7.78
C PRO A 15 12.34 -5.48 -8.93
N SER A 16 11.89 -4.28 -8.61
CA SER A 16 11.39 -3.35 -9.59
C SER A 16 12.53 -2.62 -10.32
N GLN A 17 12.35 -2.42 -11.62
CA GLN A 17 13.17 -1.51 -12.37
C GLN A 17 13.03 -0.12 -11.78
N VAL A 18 14.12 0.65 -11.77
CA VAL A 18 14.08 2.02 -11.29
C VAL A 18 13.56 2.93 -12.40
N THR A 19 12.38 3.50 -12.19
CA THR A 19 11.79 4.40 -13.18
C THR A 19 11.26 5.62 -12.48
N CYS A 20 11.02 6.67 -13.25
CA CYS A 20 10.52 7.94 -12.74
C CYS A 20 9.02 7.87 -12.38
N THR A 21 8.67 8.39 -11.20
CA THR A 21 7.28 8.40 -10.75
C THR A 21 6.82 9.81 -10.34
N GLU A 22 7.55 10.83 -10.78
CA GLU A 22 7.31 12.20 -10.36
C GLU A 22 5.93 12.69 -10.78
N ALA A 23 5.55 12.44 -12.03
CA ALA A 23 4.27 12.89 -12.55
C ALA A 23 3.13 12.12 -11.90
N LEU A 24 3.30 10.80 -11.81
CA LEU A 24 2.33 9.93 -11.15
C LEU A 24 2.00 10.37 -9.71
N LEU A 25 3.04 10.78 -8.98
CA LEU A 25 2.89 11.18 -7.58
C LEU A 25 2.73 12.70 -7.42
N GLN A 26 2.38 13.36 -8.52
CA GLN A 26 2.07 14.79 -8.54
C GLN A 26 3.15 15.62 -7.84
N ALA A 27 4.39 15.41 -8.27
CA ALA A 27 5.54 16.07 -7.65
C ALA A 27 5.35 17.58 -7.71
N PRO A 28 5.74 18.30 -6.65
CA PRO A 28 5.71 19.76 -6.72
C PRO A 28 6.82 20.30 -7.63
N GLY A 29 6.50 21.31 -8.44
CA GLY A 29 7.49 22.00 -9.28
C GLY A 29 7.82 21.26 -10.57
N CYS A 37 9.21 15.88 -17.60
CA CYS A 37 10.20 15.74 -16.54
C CYS A 37 11.61 15.73 -17.12
N PRO A 38 12.55 16.46 -16.49
CA PRO A 38 13.93 16.52 -16.95
C PRO A 38 14.89 15.54 -16.28
N CYS A 39 14.37 14.55 -15.54
CA CYS A 39 15.24 13.65 -14.79
C CYS A 39 15.90 12.62 -15.71
N SER A 40 16.86 11.88 -15.16
CA SER A 40 17.66 10.92 -15.92
C SER A 40 17.12 9.49 -15.90
N LEU A 41 16.05 9.23 -15.14
CA LEU A 41 15.51 7.88 -15.07
C LEU A 41 14.61 7.56 -16.27
N PRO A 42 14.44 6.27 -16.56
CA PRO A 42 13.49 5.85 -17.59
C PRO A 42 12.07 6.31 -17.28
N HIS A 43 11.37 6.77 -18.30
CA HIS A 43 9.98 7.19 -18.14
C HIS A 43 9.06 6.15 -18.75
N SER A 44 9.05 5.00 -18.09
CA SER A 44 8.28 3.84 -18.54
C SER A 44 7.81 3.10 -17.30
N GLU A 45 7.07 2.02 -17.49
CA GLU A 45 6.42 1.35 -16.35
C GLU A 45 7.33 0.33 -15.67
N SER A 46 7.08 0.10 -14.39
CA SER A 46 7.83 -0.86 -13.62
C SER A 46 6.86 -1.60 -12.72
N SER A 47 7.34 -2.60 -11.99
CA SER A 47 6.51 -3.18 -10.95
C SER A 47 6.05 -2.14 -9.92
N LEU A 48 6.93 -1.26 -9.47
CA LEU A 48 6.50 -0.21 -8.56
C LEU A 48 5.48 0.75 -9.16
N SER A 49 5.68 1.23 -10.39
CA SER A 49 4.68 2.14 -10.98
C SER A 49 3.32 1.43 -11.12
N ARG A 50 3.33 0.15 -11.47
CA ARG A 50 2.08 -0.63 -11.60
C ARG A 50 1.35 -0.73 -10.25
N LEU A 51 2.10 -0.97 -9.19
CA LEU A 51 1.56 -0.98 -7.83
C LEU A 51 0.98 0.36 -7.46
N LEU A 52 1.75 1.43 -7.70
CA LEU A 52 1.26 2.80 -7.45
C LEU A 52 -0.03 3.07 -8.21
N ARG A 53 -0.11 2.68 -9.46
CA ARG A 53 -1.31 2.95 -10.26
C ARG A 53 -2.55 2.21 -9.74
N ALA A 54 -2.34 0.96 -9.33
CA ALA A 54 -3.43 0.16 -8.76
C ALA A 54 -4.02 0.87 -7.53
N LEU A 55 -3.15 1.44 -6.70
CA LEU A 55 -3.60 2.13 -5.49
C LEU A 55 -4.27 3.43 -5.85
N LEU A 56 -3.69 4.17 -6.81
CA LEU A 56 -4.15 5.52 -7.12
C LEU A 56 -5.49 5.46 -7.90
N ALA A 57 -5.87 4.28 -8.34
CA ALA A 57 -7.17 4.07 -8.97
C ALA A 57 -8.35 4.14 -7.96
N ALA A 58 -8.03 4.07 -6.68
CA ALA A 58 -9.03 4.15 -5.61
C ALA A 58 -9.84 5.45 -5.67
N ARG A 59 -11.17 5.30 -5.60
CA ARG A 59 -12.07 6.45 -5.60
C ARG A 59 -12.89 6.57 -4.32
N SER A 60 -12.90 5.53 -3.49
CA SER A 60 -13.83 5.41 -2.37
C SER A 60 -13.16 4.99 -1.05
N SER A 61 -12.50 3.84 -1.08
CA SER A 61 -11.93 3.24 0.13
C SER A 61 -10.59 2.54 -0.15
N LEU A 62 -9.72 2.56 0.84
CA LEU A 62 -8.50 1.78 0.84
C LEU A 62 -8.27 1.18 2.22
N GLU A 63 -8.16 -0.15 2.30
CA GLU A 63 -7.74 -0.81 3.52
C GLU A 63 -6.33 -1.32 3.27
N LEU A 64 -5.40 -1.05 4.19
CA LEU A 64 -4.04 -1.54 4.08
C LEU A 64 -3.71 -2.35 5.29
N CYS A 65 -3.18 -3.54 5.07
CA CYS A 65 -2.82 -4.44 6.16
C CYS A 65 -1.42 -4.93 5.88
N LEU A 66 -0.44 -4.29 6.50
CA LEU A 66 0.98 -4.40 6.09
C LEU A 66 1.91 -4.63 7.26
N PHE A 67 2.73 -5.69 7.19
CA PHE A 67 3.77 -5.95 8.18
C PHE A 67 4.69 -4.74 8.38
N ALA A 68 5.15 -4.16 7.28
CA ALA A 68 6.04 -3.00 7.32
C ALA A 68 5.72 -2.05 6.16
N PHE A 69 5.86 -0.76 6.42
CA PHE A 69 5.51 0.28 5.45
C PHE A 69 6.41 1.48 5.65
N SER A 70 7.47 1.57 4.84
CA SER A 70 8.40 2.70 4.91
C SER A 70 8.72 3.38 3.58
N SER A 71 8.17 2.88 2.48
CA SER A 71 8.45 3.41 1.14
C SER A 71 7.87 4.83 1.02
N PRO A 72 8.71 5.83 0.70
CA PRO A 72 8.16 7.20 0.56
C PRO A 72 7.25 7.37 -0.66
N GLN A 73 7.50 6.61 -1.73
CA GLN A 73 6.63 6.62 -2.90
CA GLN A 73 6.64 6.65 -2.90
C GLN A 73 5.24 6.08 -2.60
N LEU A 74 5.19 4.94 -1.94
CA LEU A 74 3.89 4.36 -1.55
C LEU A 74 3.21 5.24 -0.47
N GLY A 75 4.00 5.80 0.44
CA GLY A 75 3.46 6.76 1.42
C GLY A 75 2.80 7.98 0.78
N ARG A 76 3.46 8.52 -0.23
CA ARG A 76 2.96 9.66 -0.99
C ARG A 76 1.64 9.30 -1.66
N ALA A 77 1.59 8.12 -2.27
CA ALA A 77 0.37 7.66 -2.92
C ALA A 77 -0.81 7.63 -1.93
N VAL A 78 -0.59 7.04 -0.77
CA VAL A 78 -1.65 6.90 0.24
C VAL A 78 -2.09 8.27 0.73
N GLN A 79 -1.11 9.15 0.94
CA GLN A 79 -1.37 10.57 1.25
C GLN A 79 -2.32 11.23 0.26
N LEU A 80 -1.99 11.11 -1.01
CA LEU A 80 -2.80 11.69 -2.07
C LEU A 80 -4.24 11.15 -2.03
N LEU A 81 -4.40 9.85 -1.77
CA LEU A 81 -5.74 9.24 -1.71
C LEU A 81 -6.54 9.84 -0.56
N HIS A 82 -5.91 10.03 0.58
CA HIS A 82 -6.55 10.66 1.75
C HIS A 82 -6.97 12.08 1.44
N GLN A 83 -6.10 12.82 0.77
CA GLN A 83 -6.38 14.20 0.34
C GLN A 83 -7.51 14.28 -0.69
N ARG A 84 -7.69 13.21 -1.45
CA ARG A 84 -8.78 13.10 -2.43
C ARG A 84 -10.14 12.69 -1.87
N GLY A 85 -10.20 12.37 -0.58
CA GLY A 85 -11.44 11.97 0.07
C GLY A 85 -11.66 10.47 0.16
N VAL A 86 -10.65 9.68 -0.24
CA VAL A 86 -10.71 8.23 -0.11
C VAL A 86 -10.63 7.88 1.38
N ARG A 87 -11.45 6.91 1.80
CA ARG A 87 -11.44 6.48 3.20
C ARG A 87 -10.32 5.47 3.42
N VAL A 88 -9.25 5.91 4.07
CA VAL A 88 -8.04 5.09 4.26
C VAL A 88 -7.93 4.59 5.69
N ARG A 89 -7.79 3.28 5.82
CA ARG A 89 -7.57 2.64 7.12
C ARG A 89 -6.35 1.74 6.99
N VAL A 90 -5.43 1.85 7.94
CA VAL A 90 -4.13 1.16 7.87
C VAL A 90 -3.90 0.36 9.12
N ILE A 91 -3.46 -0.89 8.93
CA ILE A 91 -3.04 -1.73 10.04
C ILE A 91 -1.59 -2.09 9.75
N THR A 92 -0.70 -1.90 10.73
CA THR A 92 0.70 -2.30 10.58
C THR A 92 1.15 -3.09 11.82
N ASP A 93 2.28 -3.79 11.72
CA ASP A 93 2.75 -4.59 12.85
C ASP A 93 3.40 -3.74 13.92
N CYS A 94 4.07 -2.68 13.48
CA CYS A 94 4.77 -1.76 14.35
CA CYS A 94 4.73 -1.77 14.40
C CYS A 94 4.02 -0.42 14.41
N ASP A 95 4.07 0.25 15.55
CA ASP A 95 3.41 1.56 15.68
C ASP A 95 4.21 2.70 15.04
N TYR A 96 5.48 2.45 14.74
CA TYR A 96 6.37 3.46 14.13
C TYR A 96 6.53 4.77 14.92
N MET A 97 6.25 4.73 16.22
CA MET A 97 6.34 5.93 17.06
C MET A 97 7.79 6.35 17.32
N GLY A 101 10.12 10.89 11.41
CA GLY A 101 9.82 11.08 9.99
C GLY A 101 9.43 9.82 9.23
N SER A 102 8.90 8.82 9.94
CA SER A 102 8.40 7.61 9.30
C SER A 102 7.19 7.96 8.46
N GLN A 103 6.95 7.14 7.44
CA GLN A 103 5.72 7.19 6.62
C GLN A 103 4.45 6.99 7.42
N ILE A 104 4.42 5.99 8.30
CA ILE A 104 3.25 5.76 9.13
C ILE A 104 3.00 6.96 10.05
N GLY A 105 4.07 7.51 10.60
CA GLY A 105 4.00 8.75 11.37
C GLY A 105 3.39 9.89 10.57
N LEU A 106 3.82 10.04 9.33
CA LEU A 106 3.31 11.11 8.47
C LEU A 106 1.85 10.88 8.09
N LEU A 107 1.46 9.62 7.89
CA LEU A 107 0.07 9.30 7.55
C LEU A 107 -0.85 9.62 8.74
N ARG A 108 -0.40 9.21 9.92
CA ARG A 108 -1.10 9.44 11.19
C ARG A 108 -1.31 10.92 11.46
N LYS A 109 -0.24 11.70 11.26
CA LYS A 109 -0.31 13.15 11.42
C LYS A 109 -1.32 13.81 10.48
N ALA A 110 -1.44 13.26 9.27
CA ALA A 110 -2.36 13.78 8.25
C ALA A 110 -3.83 13.44 8.55
N GLY A 111 -4.08 12.66 9.59
CA GLY A 111 -5.44 12.26 9.97
C GLY A 111 -5.91 10.89 9.52
N ILE A 112 -5.01 10.10 8.93
CA ILE A 112 -5.33 8.73 8.52
C ILE A 112 -5.33 7.83 9.76
N GLN A 113 -6.38 7.03 9.90
CA GLN A 113 -6.51 6.12 11.04
C GLN A 113 -5.55 4.95 10.84
N VAL A 114 -4.66 4.75 11.81
CA VAL A 114 -3.69 3.65 11.79
C VAL A 114 -3.84 2.90 13.09
N ARG A 115 -3.96 1.58 12.98
CA ARG A 115 -4.01 0.70 14.14
C ARG A 115 -2.86 -0.30 13.99
N HIS A 116 -2.44 -0.91 15.08
CA HIS A 116 -1.17 -1.65 15.05
C HIS A 116 -1.08 -2.78 16.06
N ASP A 117 -0.10 -3.65 15.80
CA ASP A 117 0.21 -4.85 16.58
C ASP A 117 1.35 -4.49 17.57
N GLN A 118 2.07 -5.51 18.06
CA GLN A 118 3.01 -5.38 19.18
C GLN A 118 4.45 -5.20 18.70
N ASP A 119 4.66 -5.04 17.40
CA ASP A 119 6.01 -5.05 16.82
C ASP A 119 6.75 -6.34 17.24
N LEU A 120 6.03 -7.46 17.20
CA LEU A 120 6.59 -8.78 17.52
C LEU A 120 6.66 -9.73 16.33
N GLY A 121 6.12 -9.32 15.19
CA GLY A 121 6.15 -10.16 13.99
C GLY A 121 4.79 -10.74 13.66
N TYR A 122 3.84 -10.56 14.60
CA TYR A 122 2.58 -11.27 14.51
C TYR A 122 1.71 -10.82 13.36
N MET A 123 1.67 -9.52 13.07
CA MET A 123 0.77 -9.08 12.00
C MET A 123 1.54 -9.08 10.68
N HIS A 124 1.51 -10.23 9.99
CA HIS A 124 2.44 -10.49 8.90
C HIS A 124 1.83 -10.42 7.47
N HIS A 125 0.56 -10.08 7.36
CA HIS A 125 -0.07 -9.78 6.06
C HIS A 125 0.64 -8.65 5.28
N LYS A 126 0.57 -8.73 3.95
CA LYS A 126 0.99 -7.66 3.07
C LYS A 126 -0.06 -7.44 1.98
N PHE A 127 -1.21 -6.91 2.39
CA PHE A 127 -2.29 -6.70 1.43
C PHE A 127 -2.95 -5.34 1.51
N ALA A 128 -3.66 -5.00 0.44
CA ALA A 128 -4.43 -3.77 0.32
C ALA A 128 -5.72 -4.09 -0.43
N ILE A 129 -6.80 -3.41 -0.07
CA ILE A 129 -8.08 -3.60 -0.73
C ILE A 129 -8.54 -2.25 -1.23
N VAL A 130 -8.74 -2.15 -2.54
CA VAL A 130 -9.15 -0.92 -3.18
C VAL A 130 -10.64 -0.94 -3.55
N ASP A 131 -11.36 0.06 -3.03
CA ASP A 131 -12.80 0.26 -3.32
C ASP A 131 -13.65 -1.00 -3.16
N LYS A 132 -13.30 -1.84 -2.18
CA LYS A 132 -14.01 -3.10 -1.95
C LYS A 132 -14.18 -3.92 -3.23
N LYS A 133 -13.22 -3.81 -4.15
CA LYS A 133 -13.28 -4.58 -5.38
C LYS A 133 -11.96 -5.14 -5.93
N VAL A 134 -10.82 -4.56 -5.58
CA VAL A 134 -9.53 -5.07 -6.02
C VAL A 134 -8.68 -5.43 -4.80
N LEU A 135 -8.15 -6.65 -4.82
CA LEU A 135 -7.25 -7.14 -3.77
C LEU A 135 -5.84 -7.10 -4.34
N ILE A 136 -4.97 -6.49 -3.58
CA ILE A 136 -3.54 -6.43 -3.87
C ILE A 136 -2.84 -7.17 -2.74
N THR A 137 -2.15 -8.27 -3.04
CA THR A 137 -1.58 -9.07 -1.96
C THR A 137 -0.32 -9.74 -2.43
N GLY A 138 0.69 -9.73 -1.58
CA GLY A 138 1.90 -10.46 -1.92
C GLY A 138 2.84 -10.80 -0.81
N SER A 139 4.06 -11.15 -1.21
CA SER A 139 5.15 -11.40 -0.28
C SER A 139 5.83 -10.10 0.13
N LEU A 140 5.57 -9.02 -0.61
CA LEU A 140 6.37 -7.76 -0.52
C LEU A 140 5.99 -6.91 0.68
N ASN A 141 6.97 -6.62 1.53
CA ASN A 141 6.82 -5.52 2.49
C ASN A 141 7.05 -4.19 1.76
N TRP A 142 6.32 -3.14 2.14
CA TRP A 142 6.33 -1.90 1.37
C TRP A 142 7.47 -1.01 1.84
N THR A 143 8.67 -1.46 1.53
CA THR A 143 9.90 -0.75 1.87
C THR A 143 10.73 -0.58 0.61
N THR A 144 11.49 0.50 0.52
CA THR A 144 12.32 0.73 -0.67
C THR A 144 13.34 -0.41 -0.85
N GLN A 145 13.93 -0.84 0.25
CA GLN A 145 14.88 -1.94 0.22
C GLN A 145 14.27 -3.18 -0.43
N ALA A 146 13.07 -3.57 -0.02
CA ALA A 146 12.46 -4.79 -0.58
C ALA A 146 12.07 -4.57 -2.03
N ILE A 147 11.44 -3.44 -2.30
CA ILE A 147 11.02 -3.11 -3.67
C ILE A 147 12.20 -3.15 -4.65
N GLN A 148 13.36 -2.64 -4.26
CA GLN A 148 14.47 -2.50 -5.21
C GLN A 148 15.46 -3.66 -5.24
N ASN A 149 15.38 -4.55 -4.25
CA ASN A 149 16.38 -5.60 -4.09
C ASN A 149 15.88 -7.03 -3.95
N ASN A 150 14.63 -7.22 -3.53
CA ASN A 150 14.17 -8.57 -3.19
C ASN A 150 13.39 -9.20 -4.32
N ARG A 151 13.50 -10.52 -4.42
CA ARG A 151 12.60 -11.30 -5.22
C ARG A 151 11.30 -11.42 -4.44
N GLU A 152 10.23 -10.90 -5.01
CA GLU A 152 8.91 -10.81 -4.38
C GLU A 152 7.84 -10.90 -5.43
N ASN A 153 6.61 -11.19 -5.00
CA ASN A 153 5.46 -11.16 -5.87
C ASN A 153 4.36 -10.32 -5.21
N VAL A 154 3.60 -9.63 -6.04
CA VAL A 154 2.37 -8.98 -5.64
C VAL A 154 1.29 -9.33 -6.66
N LEU A 155 0.19 -9.91 -6.18
CA LEU A 155 -0.99 -10.21 -7.01
C LEU A 155 -1.95 -9.04 -6.96
N ILE A 156 -2.59 -8.75 -8.10
CA ILE A 156 -3.64 -7.74 -8.16
C ILE A 156 -4.83 -8.41 -8.82
N MET A 157 -5.89 -8.56 -8.04
CA MET A 157 -7.01 -9.41 -8.43
C MET A 157 -8.34 -8.73 -8.19
N GLU A 158 -9.15 -8.68 -9.23
CA GLU A 158 -10.56 -8.36 -9.08
C GLU A 158 -11.30 -9.69 -8.92
N ASP A 159 -11.55 -10.08 -7.69
CA ASP A 159 -12.14 -11.37 -7.36
C ASP A 159 -13.06 -11.13 -6.19
N THR A 160 -14.35 -11.34 -6.40
CA THR A 160 -15.32 -10.98 -5.37
C THR A 160 -15.17 -11.81 -4.10
N GLU A 161 -14.86 -13.10 -4.23
CA GLU A 161 -14.71 -13.96 -3.05
C GLU A 161 -13.45 -13.65 -2.28
N TYR A 162 -12.32 -13.46 -2.97
CA TYR A 162 -11.10 -13.10 -2.25
C TYR A 162 -11.27 -11.75 -1.57
N VAL A 163 -11.85 -10.78 -2.27
CA VAL A 163 -12.07 -9.47 -1.66
C VAL A 163 -12.96 -9.59 -0.43
N ARG A 164 -14.07 -10.32 -0.54
CA ARG A 164 -14.94 -10.55 0.61
C ARG A 164 -14.18 -11.11 1.81
N LEU A 165 -13.42 -12.18 1.58
CA LEU A 165 -12.77 -12.91 2.68
C LEU A 165 -11.64 -12.07 3.29
N PHE A 166 -10.86 -11.38 2.44
CA PHE A 166 -9.80 -10.46 2.92
C PHE A 166 -10.39 -9.24 3.66
N LEU A 167 -11.53 -8.72 3.20
CA LEU A 167 -12.16 -7.60 3.91
C LEU A 167 -12.66 -8.07 5.27
N GLU A 168 -13.23 -9.28 5.34
CA GLU A 168 -13.65 -9.86 6.63
C GLU A 168 -12.49 -9.99 7.62
N GLU A 169 -11.34 -10.46 7.12
CA GLU A 169 -10.15 -10.60 7.93
C GLU A 169 -9.68 -9.22 8.38
N PHE A 170 -9.59 -8.29 7.44
CA PHE A 170 -9.24 -6.92 7.79
C PHE A 170 -10.11 -6.36 8.92
N GLU A 171 -11.42 -6.50 8.79
CA GLU A 171 -12.32 -5.92 9.78
C GLU A 171 -12.14 -6.56 11.16
N ARG A 172 -11.86 -7.88 11.19
CA ARG A 172 -11.59 -8.58 12.45
C ARG A 172 -10.38 -8.01 13.15
N ILE A 173 -9.30 -7.83 12.39
CA ILE A 173 -8.05 -7.28 12.93
C ILE A 173 -8.26 -5.80 13.34
N TRP A 174 -8.96 -5.04 12.50
CA TRP A 174 -9.31 -3.63 12.78
C TRP A 174 -10.01 -3.45 14.13
N GLU A 175 -11.00 -4.29 14.38
CA GLU A 175 -11.74 -4.21 15.64
C GLU A 175 -10.91 -4.71 16.82
N GLU A 176 -10.09 -5.73 16.62
CA GLU A 176 -9.24 -6.24 17.67
C GLU A 176 -8.27 -5.17 18.17
N PHE A 177 -7.79 -4.34 17.27
CA PHE A 177 -6.77 -3.32 17.58
C PHE A 177 -7.35 -1.94 17.89
N ASP A 178 -8.66 -1.85 18.08
CA ASP A 178 -9.31 -0.59 18.41
C ASP A 178 -8.70 -0.08 19.71
N PRO A 179 -8.00 1.08 19.64
CA PRO A 179 -7.30 1.63 20.80
C PRO A 179 -8.24 1.84 21.98
N THR A 180 -9.51 2.06 21.68
CA THR A 180 -10.58 2.07 22.67
C THR A 180 -11.33 0.73 22.60
ZN ZN B . 11.51 11.94 -14.49
#